data_2M40
#
_entry.id   2M40
#
loop_
_entity.id
_entity.type
_entity.pdbx_description
1 polymer "DNA (5'-D(*CP*GP*CP*TP*CP*(3DR)P*CP*AP*CP*GP*C)-3')"
2 polymer "DNA (5'-D(*GP*CP*GP*TP*GP*GP*GP*AP*(8OG)P*CP*G)-3')"
#
loop_
_entity_poly.entity_id
_entity_poly.type
_entity_poly.pdbx_seq_one_letter_code
_entity_poly.pdbx_strand_id
1 'polydeoxyribonucleotide' (DC)(DG)(DC)(DT)(DC)(3DR)(DC)(DA)(DC)(DG)(DC) A
2 'polydeoxyribonucleotide' (DG)(DC)(DG)(DT)(DG)(DG)(DG)(DA)(8OG)(DC)(DG) B
#